data_6G8R
#
_entry.id   6G8R
#
_cell.length_a   89.200
_cell.length_b   89.200
_cell.length_c   343.350
_cell.angle_alpha   90.000
_cell.angle_beta   90.000
_cell.angle_gamma   120.000
#
_symmetry.space_group_name_H-M   'P 61 2 2'
#
loop_
_entity.id
_entity.type
_entity.pdbx_description
1 polymer 'single-chain variable fragment'
2 polymer 'Nuclear body protein SP140'
3 non-polymer 1,2-ETHANEDIOL
4 non-polymer 'ZINC ION'
5 water water
#
loop_
_entity_poly.entity_id
_entity_poly.type
_entity_poly.pdbx_seq_one_letter_code
_entity_poly.pdbx_strand_id
1 'polypeptide(L)'
;EVQLLESGGGLVQPGGSLRLSCAASGFTFYGSGMGWVRQAPGKGLEWVSSIYSGSGSTYYADSVKGRFTISRDNSKNTLY
LQMNSLRAEDTAVYYCARTSIYYYYMDYWGQGTLVTVSSGGGGSGGGGSGGGGSDIQMTQSPSSLSASVGDRVTITCRAS
QSISSYLNWYQQKPGKAPKLLIYAASSLQSGVPSRFSGSGSGTDFTLTISSLQPEDFATYYCQQSSSLFTFGQGTKLEIK
RTAENLYFQS
;
A
2 'polypeptide(L)'
;SMRNLDECEVCRDGGELFCCDTCSRVFHEDCHIPPVEAERTPWNCIFCRMKESPGSQQCCQESEVLERQMCPEEQLKCEF
LLLKVYCCSESSFFAKIPYYYYIREACQGLKEPMWLDKIKKRLNEHGYPQVEGFVQDMRLIFQNHRASYKYKDFGQMGFR
LEAEFEKNFKEVFAIQESSKGGYGLNDIFEAQKIEWHE
;
B
#
loop_
_chem_comp.id
_chem_comp.type
_chem_comp.name
_chem_comp.formula
EDO non-polymer 1,2-ETHANEDIOL 'C2 H6 O2'
ZN non-polymer 'ZINC ION' 'Zn 2'
#
# COMPACT_ATOMS: atom_id res chain seq x y z
N GLU A 1 18.37 10.02 8.91
CA GLU A 1 18.79 8.73 9.53
C GLU A 1 18.67 7.60 8.50
N VAL A 2 17.54 7.50 7.79
CA VAL A 2 17.32 6.54 6.66
C VAL A 2 18.25 6.95 5.51
N GLN A 3 19.04 6.00 5.00
CA GLN A 3 19.98 6.25 3.88
C GLN A 3 19.97 5.03 2.95
N LEU A 4 19.81 5.26 1.65
CA LEU A 4 20.05 4.27 0.57
C LEU A 4 21.20 4.80 -0.29
N LEU A 5 22.31 4.07 -0.37
CA LEU A 5 23.47 4.44 -1.23
C LEU A 5 23.69 3.33 -2.28
N GLU A 6 23.46 3.65 -3.55
CA GLU A 6 23.73 2.74 -4.69
C GLU A 6 25.22 2.83 -5.04
N SER A 7 25.72 1.79 -5.70
CA SER A 7 27.09 1.69 -6.26
C SER A 7 27.12 0.51 -7.24
N GLY A 8 28.17 0.44 -8.08
CA GLY A 8 28.36 -0.61 -9.09
C GLY A 8 28.01 -0.15 -10.50
N GLY A 9 27.50 1.07 -10.64
CA GLY A 9 27.19 1.68 -11.95
C GLY A 9 28.47 2.09 -12.67
N GLY A 10 28.45 2.08 -14.01
CA GLY A 10 29.64 2.46 -14.80
C GLY A 10 29.49 2.07 -16.25
N LEU A 11 30.61 1.91 -16.95
CA LEU A 11 30.67 1.63 -18.41
C LEU A 11 30.70 0.13 -18.63
N VAL A 12 29.93 -0.38 -19.59
CA VAL A 12 29.95 -1.82 -20.00
C VAL A 12 29.83 -1.88 -21.52
N GLN A 13 30.57 -2.81 -22.15
CA GLN A 13 30.39 -3.14 -23.60
C GLN A 13 29.00 -3.75 -23.72
N PRO A 14 28.27 -3.52 -24.83
CA PRO A 14 26.99 -4.20 -25.08
C PRO A 14 27.11 -5.74 -25.00
N GLY A 15 26.09 -6.40 -24.47
CA GLY A 15 26.07 -7.86 -24.22
C GLY A 15 26.66 -8.21 -22.85
N GLY A 16 27.52 -7.33 -22.31
CA GLY A 16 28.25 -7.55 -21.05
C GLY A 16 27.33 -7.47 -19.84
N SER A 17 27.92 -7.67 -18.65
CA SER A 17 27.22 -7.80 -17.36
C SER A 17 27.73 -6.75 -16.37
N LEU A 18 26.87 -6.42 -15.40
CA LEU A 18 27.16 -5.45 -14.31
C LEU A 18 26.28 -5.80 -13.11
N ARG A 19 26.75 -5.49 -11.91
CA ARG A 19 26.05 -5.81 -10.65
C ARG A 19 25.89 -4.52 -9.85
N LEU A 20 24.64 -4.05 -9.71
CA LEU A 20 24.32 -2.90 -8.84
C LEU A 20 24.07 -3.42 -7.44
N SER A 21 24.57 -2.70 -6.44
CA SER A 21 24.27 -2.90 -5.01
C SER A 21 23.75 -1.59 -4.45
N CYS A 22 22.88 -1.68 -3.45
CA CYS A 22 22.33 -0.55 -2.66
C CYS A 22 22.44 -0.90 -1.17
N ALA A 23 23.25 -0.15 -0.43
CA ALA A 23 23.44 -0.32 1.02
C ALA A 23 22.38 0.51 1.75
N ALA A 24 21.54 -0.15 2.56
CA ALA A 24 20.42 0.46 3.31
C ALA A 24 20.80 0.59 4.79
N SER A 25 20.35 1.67 5.44
CA SER A 25 20.49 1.90 6.90
C SER A 25 19.33 2.78 7.41
N GLY A 26 19.07 2.76 8.71
CA GLY A 26 18.10 3.64 9.40
C GLY A 26 16.69 3.08 9.43
N PHE A 27 16.50 1.82 9.02
CA PHE A 27 15.18 1.12 9.02
C PHE A 27 15.42 -0.40 8.99
N THR A 28 14.47 -1.16 9.52
CA THR A 28 14.50 -2.65 9.55
C THR A 28 14.40 -3.17 8.12
N PHE A 29 15.52 -3.64 7.58
CA PHE A 29 15.69 -3.93 6.13
C PHE A 29 14.74 -5.06 5.70
N TYR A 30 14.64 -6.13 6.48
CA TYR A 30 13.84 -7.34 6.12
C TYR A 30 12.34 -7.02 6.19
N GLY A 31 11.95 -5.98 6.94
CA GLY A 31 10.55 -5.56 7.07
C GLY A 31 10.03 -4.77 5.88
N SER A 32 10.91 -4.40 4.94
CA SER A 32 10.62 -3.49 3.80
C SER A 32 10.83 -4.19 2.46
N GLY A 33 9.89 -3.99 1.53
CA GLY A 33 10.10 -4.26 0.09
C GLY A 33 11.13 -3.30 -0.47
N MET A 34 11.94 -3.75 -1.43
CA MET A 34 13.00 -2.94 -2.08
C MET A 34 12.87 -3.05 -3.60
N GLY A 35 12.94 -1.91 -4.31
CA GLY A 35 12.83 -1.82 -5.77
C GLY A 35 14.03 -1.14 -6.42
N TRP A 36 14.18 -1.35 -7.73
CA TRP A 36 15.04 -0.56 -8.63
C TRP A 36 14.14 0.17 -9.64
N VAL A 37 14.33 1.49 -9.76
CA VAL A 37 13.66 2.35 -10.76
C VAL A 37 14.76 3.08 -11.53
N ARG A 38 14.74 3.01 -12.86
CA ARG A 38 15.73 3.71 -13.72
C ARG A 38 15.04 4.91 -14.40
N GLN A 39 15.89 5.81 -14.92
CA GLN A 39 15.49 7.06 -15.62
C GLN A 39 16.58 7.39 -16.62
N ALA A 40 16.25 7.36 -17.91
CA ALA A 40 17.17 7.75 -19.00
C ALA A 40 17.34 9.27 -18.95
N PRO A 41 18.52 9.82 -19.31
CA PRO A 41 18.75 11.26 -19.20
C PRO A 41 17.69 12.07 -19.96
N GLY A 42 16.94 12.91 -19.23
CA GLY A 42 15.86 13.76 -19.76
C GLY A 42 14.50 13.07 -19.76
N LYS A 43 14.44 11.76 -19.51
CA LYS A 43 13.19 10.95 -19.67
C LYS A 43 12.52 10.71 -18.32
N GLY A 44 11.43 9.96 -18.33
CA GLY A 44 10.59 9.68 -17.14
C GLY A 44 11.06 8.45 -16.39
N LEU A 45 10.32 8.08 -15.33
CA LEU A 45 10.68 6.98 -14.41
C LEU A 45 10.08 5.68 -14.94
N GLU A 46 10.82 4.58 -14.81
CA GLU A 46 10.43 3.23 -15.27
C GLU A 46 10.79 2.22 -14.18
N TRP A 47 9.80 1.57 -13.58
CA TRP A 47 10.04 0.47 -12.61
C TRP A 47 10.73 -0.67 -13.35
N VAL A 48 11.76 -1.26 -12.73
CA VAL A 48 12.65 -2.29 -13.35
C VAL A 48 12.36 -3.64 -12.69
N SER A 49 12.60 -3.72 -11.38
CA SER A 49 12.42 -4.94 -10.54
C SER A 49 12.20 -4.51 -9.08
N SER A 50 11.40 -5.27 -8.33
CA SER A 50 11.35 -5.18 -6.85
C SER A 50 11.33 -6.60 -6.26
N ILE A 51 12.00 -6.75 -5.12
CA ILE A 51 12.05 -8.00 -4.30
C ILE A 51 11.36 -7.70 -2.96
N TYR A 52 10.59 -8.66 -2.45
CA TYR A 52 9.94 -8.58 -1.12
C TYR A 52 10.63 -9.61 -0.21
N SER A 53 9.90 -10.60 0.32
CA SER A 53 10.46 -11.62 1.25
C SER A 53 11.14 -12.73 0.45
N GLY A 54 12.43 -12.55 0.14
CA GLY A 54 13.30 -13.57 -0.47
C GLY A 54 13.12 -13.72 -1.97
N SER A 55 13.74 -14.77 -2.54
CA SER A 55 13.83 -15.05 -4.00
C SER A 55 12.50 -15.58 -4.57
N GLY A 56 11.59 -16.03 -3.69
CA GLY A 56 10.24 -16.51 -4.09
C GLY A 56 9.35 -15.35 -4.50
N SER A 57 9.70 -14.13 -4.10
CA SER A 57 8.89 -12.89 -4.28
C SER A 57 9.68 -11.83 -5.05
N THR A 58 10.12 -12.18 -6.27
CA THR A 58 10.83 -11.28 -7.22
C THR A 58 9.92 -10.97 -8.40
N TYR A 59 9.91 -9.71 -8.84
CA TYR A 59 9.06 -9.18 -9.94
C TYR A 59 9.93 -8.31 -10.85
N TYR A 60 9.75 -8.43 -12.16
CA TYR A 60 10.53 -7.73 -13.21
C TYR A 60 9.59 -7.12 -14.25
N ALA A 61 10.00 -6.00 -14.86
CA ALA A 61 9.38 -5.43 -16.08
C ALA A 61 9.60 -6.40 -17.24
N ASP A 62 8.63 -6.49 -18.18
CA ASP A 62 8.73 -7.37 -19.38
C ASP A 62 10.04 -7.03 -20.11
N SER A 63 10.43 -5.75 -20.12
CA SER A 63 11.68 -5.21 -20.73
C SER A 63 12.92 -5.99 -20.29
N VAL A 64 13.06 -6.30 -18.98
CA VAL A 64 14.33 -6.78 -18.36
C VAL A 64 14.21 -8.26 -17.95
N LYS A 65 13.04 -8.89 -18.17
CA LYS A 65 12.76 -10.31 -17.85
C LYS A 65 13.86 -11.22 -18.45
N GLY A 66 14.32 -12.20 -17.67
CA GLY A 66 15.29 -13.24 -18.09
C GLY A 66 16.63 -12.66 -18.47
N ARG A 67 16.93 -11.45 -17.99
CA ARG A 67 18.10 -10.64 -18.39
C ARG A 67 18.73 -10.02 -17.12
N PHE A 68 17.87 -9.47 -16.25
CA PHE A 68 18.24 -8.94 -14.89
C PHE A 68 17.76 -9.91 -13.81
N THR A 69 18.53 -9.99 -12.72
CA THR A 69 18.21 -10.80 -11.52
C THR A 69 18.36 -9.90 -10.28
N ILE A 70 17.25 -9.64 -9.59
CA ILE A 70 17.25 -8.89 -8.30
C ILE A 70 17.50 -9.90 -7.18
N SER A 71 18.18 -9.47 -6.11
CA SER A 71 18.40 -10.28 -4.89
C SER A 71 18.63 -9.34 -3.71
N ARG A 72 18.57 -9.88 -2.49
CA ARG A 72 18.85 -9.13 -1.23
C ARG A 72 19.63 -10.03 -0.28
N ASP A 73 20.58 -9.44 0.46
CA ASP A 73 21.24 -10.03 1.66
C ASP A 73 20.84 -9.19 2.86
N ASN A 74 19.86 -9.68 3.64
CA ASN A 74 19.29 -8.99 4.83
C ASN A 74 20.35 -8.89 5.93
N SER A 75 21.32 -9.81 5.96
CA SER A 75 22.43 -9.83 6.95
C SER A 75 23.35 -8.63 6.74
N LYS A 76 23.47 -8.12 5.50
CA LYS A 76 24.35 -6.96 5.16
C LYS A 76 23.50 -5.72 4.80
N ASN A 77 22.18 -5.80 4.94
CA ASN A 77 21.23 -4.70 4.61
C ASN A 77 21.49 -4.19 3.18
N THR A 78 21.78 -5.09 2.23
CA THR A 78 22.15 -4.73 0.83
C THR A 78 21.10 -5.28 -0.14
N LEU A 79 20.74 -4.49 -1.14
CA LEU A 79 19.94 -4.89 -2.32
C LEU A 79 20.87 -4.97 -3.54
N TYR A 80 20.71 -6.00 -4.38
CA TYR A 80 21.52 -6.24 -5.59
C TYR A 80 20.62 -6.29 -6.83
N LEU A 81 21.14 -5.81 -7.96
CA LEU A 81 20.58 -6.06 -9.31
C LEU A 81 21.72 -6.54 -10.21
N GLN A 82 21.71 -7.82 -10.56
CA GLN A 82 22.59 -8.40 -11.61
C GLN A 82 21.98 -8.02 -12.96
N MET A 83 22.78 -7.43 -13.84
CA MET A 83 22.34 -6.95 -15.18
C MET A 83 23.19 -7.64 -16.25
N ASN A 84 22.54 -8.47 -17.09
CA ASN A 84 23.21 -9.24 -18.16
C ASN A 84 22.65 -8.79 -19.52
N SER A 85 23.32 -9.19 -20.61
CA SER A 85 22.89 -8.92 -22.01
C SER A 85 22.42 -7.47 -22.13
N LEU A 86 23.30 -6.52 -21.82
CA LEU A 86 22.95 -5.09 -21.67
C LEU A 86 22.85 -4.41 -23.05
N ARG A 87 21.72 -3.74 -23.30
CA ARG A 87 21.44 -2.91 -24.51
C ARG A 87 21.72 -1.44 -24.20
N ALA A 88 21.54 -0.55 -25.19
CA ALA A 88 21.59 0.92 -25.04
C ALA A 88 20.33 1.38 -24.30
N GLU A 89 19.18 0.76 -24.60
CA GLU A 89 17.89 0.94 -23.89
C GLU A 89 18.15 0.99 -22.38
N ASP A 90 19.17 0.27 -21.91
CA ASP A 90 19.49 0.06 -20.46
C ASP A 90 20.29 1.24 -19.89
N THR A 91 20.93 2.07 -20.72
CA THR A 91 21.71 3.26 -20.25
C THR A 91 20.73 4.21 -19.56
N ALA A 92 20.90 4.40 -18.25
CA ALA A 92 19.99 5.18 -17.37
C ALA A 92 20.58 5.27 -15.96
N VAL A 93 20.02 6.17 -15.15
CA VAL A 93 20.33 6.28 -13.70
C VAL A 93 19.41 5.31 -12.95
N TYR A 94 19.99 4.34 -12.23
CA TYR A 94 19.25 3.30 -11.46
C TYR A 94 19.14 3.73 -9.99
N TYR A 95 17.91 4.06 -9.58
CA TYR A 95 17.54 4.42 -8.19
C TYR A 95 17.20 3.14 -7.40
N CYS A 96 17.75 3.06 -6.20
CA CYS A 96 17.34 2.13 -5.12
C CYS A 96 16.19 2.80 -4.37
N ALA A 97 15.05 2.12 -4.23
CA ALA A 97 13.84 2.66 -3.56
C ALA A 97 13.26 1.61 -2.61
N ARG A 98 12.88 2.07 -1.41
CA ARG A 98 12.17 1.25 -0.40
C ARG A 98 10.66 1.31 -0.65
N THR A 99 10.04 0.16 -0.86
CA THR A 99 8.57 -0.03 -0.96
C THR A 99 8.04 -0.44 0.43
N SER A 100 7.32 0.46 1.11
CA SER A 100 6.52 0.16 2.34
C SER A 100 5.33 -0.69 1.91
N ILE A 101 5.05 -1.77 2.65
CA ILE A 101 3.96 -2.74 2.33
C ILE A 101 2.64 -2.24 2.95
N TYR A 102 2.64 -1.11 3.66
CA TYR A 102 1.42 -0.55 4.29
C TYR A 102 0.36 -0.35 3.19
N TYR A 103 0.73 0.35 2.12
CA TYR A 103 -0.13 0.55 0.92
C TYR A 103 0.74 0.61 -0.35
N TYR A 104 1.89 -0.10 -0.34
CA TYR A 104 2.77 -0.37 -1.51
C TYR A 104 3.13 0.95 -2.22
N TYR A 105 3.91 1.78 -1.53
CA TYR A 105 4.46 3.06 -2.04
C TYR A 105 5.96 3.12 -1.73
N MET A 106 6.69 3.93 -2.50
CA MET A 106 8.16 4.08 -2.42
C MET A 106 8.48 5.38 -1.70
N ASP A 107 8.70 5.32 -0.39
CA ASP A 107 8.79 6.52 0.49
C ASP A 107 10.24 6.97 0.63
N TYR A 108 11.22 6.16 0.23
CA TYR A 108 12.66 6.48 0.38
C TYR A 108 13.42 6.08 -0.87
N TRP A 109 14.27 6.99 -1.36
CA TRP A 109 15.00 6.87 -2.65
C TRP A 109 16.48 7.17 -2.42
N GLY A 110 17.35 6.38 -3.03
CA GLY A 110 18.79 6.70 -3.14
C GLY A 110 19.03 7.86 -4.09
N GLN A 111 20.29 8.26 -4.24
CA GLN A 111 20.77 9.30 -5.19
C GLN A 111 20.67 8.78 -6.62
N GLY A 112 20.82 7.46 -6.82
CA GLY A 112 20.87 6.81 -8.14
C GLY A 112 22.30 6.61 -8.61
N THR A 113 22.59 5.49 -9.26
CA THR A 113 23.90 5.20 -9.91
C THR A 113 23.66 5.07 -11.43
N LEU A 114 24.60 5.58 -12.23
CA LEU A 114 24.44 5.65 -13.71
C LEU A 114 25.13 4.44 -14.37
N VAL A 115 24.40 3.74 -15.23
CA VAL A 115 24.91 2.65 -16.09
C VAL A 115 25.01 3.18 -17.52
N THR A 116 26.22 3.22 -18.07
CA THR A 116 26.52 3.62 -19.46
C THR A 116 26.91 2.39 -20.27
N VAL A 117 26.27 2.20 -21.44
CA VAL A 117 26.53 1.10 -22.43
C VAL A 117 26.96 1.75 -23.74
N SER A 118 27.72 1.05 -24.61
CA SER A 118 28.23 1.59 -25.90
C SER A 118 27.54 0.90 -27.09
N SER A 134 0.71 -7.20 -21.61
CA SER A 134 -0.56 -7.15 -20.82
C SER A 134 -0.27 -6.70 -19.38
N ASP A 135 0.46 -5.59 -19.23
CA ASP A 135 0.65 -4.86 -17.94
C ASP A 135 -0.40 -3.76 -17.87
N ILE A 136 -0.46 -3.04 -16.76
CA ILE A 136 -1.40 -1.90 -16.55
C ILE A 136 -0.71 -0.63 -17.06
N GLN A 137 -1.30 0.03 -18.07
CA GLN A 137 -0.84 1.34 -18.62
C GLN A 137 -1.39 2.49 -17.79
N MET A 138 -0.65 3.59 -17.71
CA MET A 138 -0.99 4.79 -16.92
C MET A 138 -0.82 6.05 -17.78
N THR A 139 -1.93 6.59 -18.28
CA THR A 139 -1.94 7.82 -19.12
C THR A 139 -2.12 9.02 -18.19
N GLN A 140 -1.29 10.04 -18.35
CA GLN A 140 -1.24 11.24 -17.47
C GLN A 140 -1.51 12.50 -18.31
N SER A 141 -2.70 13.11 -18.16
CA SER A 141 -3.10 14.37 -18.84
C SER A 141 -3.05 15.52 -17.84
N PRO A 142 -2.50 16.71 -18.20
CA PRO A 142 -1.80 16.92 -19.47
C PRO A 142 -0.34 16.44 -19.42
N SER A 143 0.29 16.42 -20.58
CA SER A 143 1.72 16.06 -20.76
C SER A 143 2.61 17.15 -20.14
N SER A 144 2.13 18.39 -20.19
CA SER A 144 2.89 19.62 -19.88
C SER A 144 1.89 20.73 -19.52
N LEU A 145 2.22 21.56 -18.52
CA LEU A 145 1.29 22.59 -17.97
C LEU A 145 2.07 23.86 -17.62
N SER A 146 1.55 25.02 -18.04
CA SER A 146 2.04 26.37 -17.66
C SER A 146 1.02 27.04 -16.74
N ALA A 147 1.44 27.43 -15.54
CA ALA A 147 0.57 28.05 -14.51
C ALA A 147 1.34 29.17 -13.79
N SER A 148 0.63 29.91 -12.94
CA SER A 148 1.15 31.08 -12.18
C SER A 148 1.07 30.79 -10.67
N VAL A 149 1.93 31.44 -9.89
CA VAL A 149 1.96 31.32 -8.41
C VAL A 149 0.58 31.76 -7.89
N GLY A 150 -0.07 30.90 -7.11
CA GLY A 150 -1.40 31.14 -6.54
C GLY A 150 -2.48 30.34 -7.26
N ASP A 151 -2.24 29.93 -8.50
CA ASP A 151 -3.22 29.22 -9.37
C ASP A 151 -3.56 27.84 -8.78
N ARG A 152 -4.71 27.30 -9.18
CA ARG A 152 -5.15 25.92 -8.85
C ARG A 152 -4.76 25.00 -10.01
N VAL A 153 -3.90 24.02 -9.73
CA VAL A 153 -3.40 23.02 -10.72
C VAL A 153 -4.07 21.68 -10.42
N THR A 154 -4.55 21.00 -11.47
CA THR A 154 -5.11 19.63 -11.40
C THR A 154 -4.51 18.81 -12.55
N ILE A 155 -3.58 17.91 -12.21
CA ILE A 155 -3.05 16.83 -13.09
C ILE A 155 -3.92 15.59 -12.87
N THR A 156 -4.09 14.73 -13.87
CA THR A 156 -4.95 13.51 -13.79
C THR A 156 -4.20 12.29 -14.32
N CYS A 157 -4.45 11.12 -13.71
CA CYS A 157 -3.94 9.80 -14.16
C CYS A 157 -5.13 8.88 -14.45
N ARG A 158 -5.11 8.20 -15.60
CA ARG A 158 -6.06 7.13 -15.95
C ARG A 158 -5.31 5.80 -16.05
N ALA A 159 -5.94 4.71 -15.65
CA ALA A 159 -5.35 3.35 -15.60
C ALA A 159 -6.08 2.44 -16.59
N SER A 160 -5.30 1.70 -17.38
CA SER A 160 -5.72 0.59 -18.28
C SER A 160 -6.94 -0.14 -17.69
N GLN A 161 -6.81 -0.65 -16.47
CA GLN A 161 -7.88 -1.36 -15.71
C GLN A 161 -7.91 -0.80 -14.28
N SER A 162 -8.86 -1.25 -13.45
CA SER A 162 -9.01 -0.80 -12.05
C SER A 162 -7.73 -1.14 -11.27
N ILE A 163 -7.31 -0.22 -10.40
CA ILE A 163 -6.15 -0.38 -9.47
C ILE A 163 -6.59 0.00 -8.06
N SER A 164 -7.90 -0.12 -7.78
CA SER A 164 -8.52 0.17 -6.47
C SER A 164 -8.02 1.54 -5.98
N SER A 165 -7.35 1.62 -4.82
CA SER A 165 -6.79 2.88 -4.30
C SER A 165 -5.25 2.82 -4.25
N TYR A 166 -4.67 1.79 -4.88
CA TYR A 166 -3.19 1.58 -4.96
C TYR A 166 -2.60 2.51 -6.02
N LEU A 167 -2.61 3.82 -5.74
CA LEU A 167 -2.15 4.89 -6.67
C LEU A 167 -1.32 5.91 -5.88
N ASN A 168 -0.07 6.13 -6.30
CA ASN A 168 0.88 7.07 -5.66
C ASN A 168 1.12 8.26 -6.60
N TRP A 169 1.45 9.41 -6.01
CA TRP A 169 1.88 10.65 -6.71
C TRP A 169 3.28 11.02 -6.23
N TYR A 170 4.16 11.36 -7.17
CA TYR A 170 5.58 11.74 -6.90
C TYR A 170 5.88 13.09 -7.54
N GLN A 171 6.72 13.87 -6.87
CA GLN A 171 7.35 15.10 -7.41
C GLN A 171 8.81 14.75 -7.72
N GLN A 172 9.34 15.21 -8.85
CA GLN A 172 10.81 15.20 -9.13
C GLN A 172 11.22 16.58 -9.65
N LYS A 173 12.37 17.06 -9.21
CA LYS A 173 12.97 18.37 -9.57
C LYS A 173 14.36 18.11 -10.13
N PRO A 174 14.90 19.03 -10.97
CA PRO A 174 16.19 18.83 -11.62
C PRO A 174 17.30 18.45 -10.62
N GLY A 175 18.00 17.36 -10.92
CA GLY A 175 19.18 16.89 -10.18
C GLY A 175 18.82 16.18 -8.88
N LYS A 176 17.55 15.83 -8.67
CA LYS A 176 17.05 15.22 -7.40
C LYS A 176 16.32 13.91 -7.67
N ALA A 177 16.27 13.05 -6.66
CA ALA A 177 15.51 11.78 -6.69
C ALA A 177 14.03 12.11 -6.57
N PRO A 178 13.14 11.24 -7.08
CA PRO A 178 11.70 11.43 -6.88
C PRO A 178 11.34 11.49 -5.39
N LYS A 179 10.25 12.16 -5.07
CA LYS A 179 9.75 12.39 -3.70
C LYS A 179 8.25 12.05 -3.67
N LEU A 180 7.84 11.23 -2.72
CA LEU A 180 6.44 10.79 -2.54
C LEU A 180 5.63 11.96 -1.97
N LEU A 181 4.54 12.32 -2.66
CA LEU A 181 3.54 13.32 -2.20
C LEU A 181 2.34 12.57 -1.61
N ILE A 182 1.73 11.68 -2.39
CA ILE A 182 0.45 10.98 -2.05
C ILE A 182 0.66 9.46 -2.20
N TYR A 183 0.12 8.69 -1.26
CA TYR A 183 -0.05 7.22 -1.35
C TYR A 183 -1.52 6.89 -1.07
N ALA A 184 -1.94 5.66 -1.36
CA ALA A 184 -3.33 5.17 -1.18
C ALA A 184 -4.31 6.20 -1.79
N ALA A 185 -3.99 6.68 -2.99
CA ALA A 185 -4.86 7.50 -3.87
C ALA A 185 -5.05 8.93 -3.35
N SER A 186 -5.16 9.11 -2.02
CA SER A 186 -5.66 10.35 -1.36
C SER A 186 -5.00 10.61 0.00
N SER A 187 -3.98 9.86 0.41
CA SER A 187 -3.29 10.04 1.72
C SER A 187 -2.02 10.88 1.51
N LEU A 188 -1.93 12.00 2.23
CA LEU A 188 -0.78 12.95 2.15
C LEU A 188 0.41 12.39 2.95
N GLN A 189 1.51 12.10 2.27
CA GLN A 189 2.77 11.59 2.88
C GLN A 189 3.26 12.61 3.91
N SER A 190 3.77 12.14 5.04
CA SER A 190 4.29 12.99 6.16
C SER A 190 5.28 14.01 5.61
N GLY A 191 5.11 15.28 5.97
CA GLY A 191 6.04 16.38 5.62
C GLY A 191 5.52 17.19 4.44
N VAL A 192 4.73 16.57 3.56
CA VAL A 192 4.18 17.20 2.31
C VAL A 192 3.17 18.27 2.71
N PRO A 193 3.26 19.49 2.14
CA PRO A 193 2.33 20.58 2.49
C PRO A 193 0.87 20.26 2.15
N SER A 194 -0.06 20.85 2.90
CA SER A 194 -1.52 20.54 2.86
C SER A 194 -2.15 21.00 1.54
N ARG A 195 -1.52 21.91 0.79
CA ARG A 195 -2.02 22.40 -0.53
C ARG A 195 -2.09 21.23 -1.53
N PHE A 196 -1.21 20.24 -1.40
CA PHE A 196 -1.25 18.99 -2.19
C PHE A 196 -2.37 18.10 -1.65
N SER A 197 -3.09 17.43 -2.55
CA SER A 197 -4.17 16.47 -2.24
C SER A 197 -4.43 15.58 -3.45
N GLY A 198 -4.68 14.29 -3.21
CA GLY A 198 -5.06 13.30 -4.24
C GLY A 198 -6.51 12.89 -4.10
N SER A 199 -7.11 12.46 -5.20
CA SER A 199 -8.49 11.89 -5.22
C SER A 199 -8.61 10.86 -6.34
N GLY A 200 -9.67 10.06 -6.29
CA GLY A 200 -10.01 9.02 -7.28
C GLY A 200 -9.86 7.62 -6.72
N SER A 201 -10.47 6.66 -7.39
CA SER A 201 -10.33 5.19 -7.17
C SER A 201 -10.89 4.47 -8.40
N GLY A 202 -10.37 3.28 -8.70
CA GLY A 202 -10.70 2.52 -9.92
C GLY A 202 -9.70 2.81 -11.02
N THR A 203 -10.09 3.64 -12.00
CA THR A 203 -9.29 3.98 -13.20
C THR A 203 -8.83 5.46 -13.17
N ASP A 204 -9.71 6.38 -12.75
CA ASP A 204 -9.48 7.85 -12.86
C ASP A 204 -9.02 8.42 -11.52
N PHE A 205 -7.91 9.16 -11.53
CA PHE A 205 -7.26 9.80 -10.35
C PHE A 205 -6.85 11.24 -10.68
N THR A 206 -6.65 12.05 -9.64
CA THR A 206 -6.37 13.51 -9.73
C THR A 206 -5.45 13.94 -8.59
N LEU A 207 -4.28 14.50 -8.93
CA LEU A 207 -3.45 15.34 -8.01
C LEU A 207 -3.88 16.79 -8.17
N THR A 208 -4.05 17.50 -7.05
CA THR A 208 -4.54 18.91 -7.00
C THR A 208 -3.62 19.72 -6.08
N ILE A 209 -3.11 20.85 -6.59
CA ILE A 209 -2.40 21.89 -5.79
C ILE A 209 -3.34 23.08 -5.66
N SER A 210 -3.79 23.41 -4.44
CA SER A 210 -4.78 24.47 -4.17
C SER A 210 -4.22 25.85 -4.58
N SER A 211 -3.13 26.28 -3.94
CA SER A 211 -2.44 27.58 -4.19
C SER A 211 -0.98 27.31 -4.54
N LEU A 212 -0.69 27.20 -5.84
CA LEU A 212 0.64 26.90 -6.42
C LEU A 212 1.70 27.84 -5.82
N GLN A 213 2.86 27.30 -5.46
CA GLN A 213 4.02 28.01 -4.86
C GLN A 213 5.24 27.87 -5.75
N PRO A 214 6.17 28.86 -5.76
CA PRO A 214 7.39 28.78 -6.58
C PRO A 214 8.09 27.42 -6.62
N GLU A 215 8.21 26.75 -5.48
CA GLU A 215 8.92 25.45 -5.30
C GLU A 215 8.15 24.30 -5.97
N ASP A 216 6.85 24.47 -6.23
CA ASP A 216 5.96 23.42 -6.81
C ASP A 216 6.20 23.26 -8.31
N PHE A 217 6.96 24.17 -8.94
CA PHE A 217 7.38 24.03 -10.36
C PHE A 217 8.36 22.87 -10.42
N ALA A 218 7.90 21.77 -11.01
CA ALA A 218 8.59 20.46 -11.02
C ALA A 218 7.88 19.53 -12.01
N THR A 219 8.37 18.30 -12.15
CA THR A 219 7.68 17.22 -12.92
C THR A 219 6.98 16.31 -11.91
N TYR A 220 5.74 15.91 -12.23
CA TYR A 220 4.88 15.07 -11.36
C TYR A 220 4.59 13.76 -12.10
N TYR A 221 4.90 12.64 -11.46
CA TYR A 221 4.58 11.27 -11.96
C TYR A 221 3.58 10.64 -11.00
N CYS A 222 2.57 9.98 -11.56
CA CYS A 222 1.68 9.04 -10.85
C CYS A 222 2.29 7.64 -10.96
N GLN A 223 1.76 6.66 -10.21
CA GLN A 223 2.29 5.26 -10.18
C GLN A 223 1.23 4.31 -9.60
N GLN A 224 0.84 3.27 -10.33
CA GLN A 224 -0.06 2.21 -9.81
C GLN A 224 0.78 1.17 -9.08
N SER A 225 0.27 0.66 -7.94
CA SER A 225 0.88 -0.38 -7.06
C SER A 225 0.08 -1.69 -7.13
N SER A 226 -1.13 -1.66 -7.71
CA SER A 226 -2.13 -2.76 -7.65
C SER A 226 -1.46 -4.08 -8.07
N SER A 227 -0.85 -4.09 -9.26
CA SER A 227 -0.15 -5.27 -9.82
C SER A 227 1.18 -4.84 -10.44
N LEU A 228 2.30 -5.17 -9.80
CA LEU A 228 3.65 -4.62 -10.09
C LEU A 228 3.62 -3.11 -9.87
N PHE A 229 4.48 -2.36 -10.55
CA PHE A 229 4.44 -0.88 -10.64
C PHE A 229 4.52 -0.45 -12.11
N THR A 230 3.72 0.55 -12.50
CA THR A 230 3.88 1.26 -13.79
C THR A 230 3.67 2.77 -13.51
N PHE A 231 4.64 3.58 -13.94
CA PHE A 231 4.67 5.06 -13.78
C PHE A 231 3.89 5.71 -14.92
N GLY A 232 3.27 6.86 -14.66
CA GLY A 232 2.76 7.75 -15.72
C GLY A 232 3.90 8.34 -16.53
N GLN A 233 3.59 8.90 -17.69
CA GLN A 233 4.58 9.50 -18.63
C GLN A 233 5.25 10.71 -17.96
N GLY A 234 4.60 11.32 -16.97
CA GLY A 234 5.08 12.53 -16.29
C GLY A 234 4.31 13.76 -16.77
N THR A 235 4.28 14.81 -15.95
CA THR A 235 3.63 16.11 -16.27
C THR A 235 4.53 17.23 -15.77
N LYS A 236 5.14 18.00 -16.68
CA LYS A 236 6.02 19.13 -16.31
C LYS A 236 5.12 20.34 -16.04
N LEU A 237 5.21 20.89 -14.82
CA LEU A 237 4.48 22.09 -14.37
C LEU A 237 5.47 23.26 -14.39
N GLU A 238 5.25 24.21 -15.30
CA GLU A 238 6.18 25.33 -15.61
C GLU A 238 5.49 26.66 -15.31
N ILE A 239 6.28 27.71 -15.09
CA ILE A 239 5.76 29.08 -14.83
C ILE A 239 5.26 29.67 -16.16
N LYS A 240 4.22 30.51 -16.09
CA LYS A 240 3.71 31.35 -17.22
C LYS A 240 4.64 32.56 -17.42
N ARG A 241 4.55 33.22 -18.57
CA ARG A 241 5.28 34.48 -18.86
C ARG A 241 4.63 35.64 -18.10
N THR A 242 5.39 36.72 -17.82
CA THR A 242 4.93 37.97 -17.17
C THR A 242 5.25 39.18 -18.07
N SER B 1 5.31 -24.17 1.94
CA SER B 1 6.74 -23.82 2.25
C SER B 1 7.02 -24.07 3.73
N MET B 2 8.31 -24.12 4.08
CA MET B 2 8.81 -24.37 5.45
C MET B 2 8.56 -23.13 6.33
N ARG B 3 8.25 -21.97 5.72
CA ARG B 3 8.15 -20.65 6.39
C ARG B 3 6.69 -20.23 6.62
N ASN B 4 5.73 -21.12 6.38
CA ASN B 4 4.28 -20.86 6.57
C ASN B 4 3.61 -22.08 7.22
N LEU B 5 2.67 -21.81 8.13
CA LEU B 5 1.87 -22.84 8.86
C LEU B 5 0.88 -23.49 7.89
N ASP B 6 0.17 -24.53 8.35
CA ASP B 6 -0.75 -25.37 7.53
C ASP B 6 -2.16 -25.32 8.11
N GLU B 7 -2.44 -24.41 9.05
CA GLU B 7 -3.78 -24.14 9.62
C GLU B 7 -4.11 -22.66 9.37
N CYS B 8 -5.32 -22.36 8.92
CA CYS B 8 -5.81 -20.97 8.76
C CYS B 8 -5.75 -20.25 10.12
N GLU B 9 -5.10 -19.08 10.16
CA GLU B 9 -4.88 -18.28 11.40
C GLU B 9 -6.20 -18.04 12.13
N VAL B 10 -7.30 -17.84 11.41
CA VAL B 10 -8.61 -17.39 11.98
C VAL B 10 -9.35 -18.59 12.56
N CYS B 11 -9.48 -19.68 11.78
CA CYS B 11 -10.39 -20.82 12.09
C CYS B 11 -9.62 -22.13 12.34
N ARG B 12 -8.28 -22.11 12.19
CA ARG B 12 -7.36 -23.24 12.53
C ARG B 12 -7.76 -24.51 11.76
N ASP B 13 -8.30 -24.36 10.56
CA ASP B 13 -8.70 -25.50 9.68
C ASP B 13 -7.83 -25.50 8.42
N GLY B 14 -7.78 -26.64 7.73
CA GLY B 14 -7.05 -26.83 6.47
C GLY B 14 -7.93 -26.53 5.27
N GLY B 15 -7.46 -26.88 4.08
CA GLY B 15 -8.14 -26.66 2.79
C GLY B 15 -7.30 -25.80 1.86
N GLU B 16 -7.91 -24.78 1.24
CA GLU B 16 -7.21 -23.82 0.36
C GLU B 16 -6.71 -22.66 1.23
N LEU B 17 -5.41 -22.65 1.49
CA LEU B 17 -4.74 -21.70 2.42
C LEU B 17 -3.76 -20.84 1.60
N PHE B 18 -3.79 -19.53 1.82
CA PHE B 18 -2.93 -18.52 1.12
C PHE B 18 -1.91 -17.97 2.13
N CYS B 19 -0.62 -18.06 1.77
CA CYS B 19 0.54 -17.69 2.61
C CYS B 19 0.74 -16.17 2.57
N CYS B 20 0.93 -15.56 3.73
CA CYS B 20 1.46 -14.18 3.85
C CYS B 20 2.92 -14.21 3.38
N ASP B 21 3.31 -13.23 2.56
CA ASP B 21 4.68 -13.13 1.99
C ASP B 21 5.69 -13.02 3.13
N THR B 22 5.38 -12.28 4.21
CA THR B 22 6.35 -11.89 5.27
C THR B 22 6.25 -12.85 6.47
N CYS B 23 5.11 -12.94 7.16
CA CYS B 23 4.94 -13.78 8.37
C CYS B 23 4.52 -15.20 7.98
N SER B 24 4.29 -16.06 8.99
CA SER B 24 4.00 -17.51 8.85
C SER B 24 2.50 -17.78 8.78
N ARG B 25 1.67 -16.86 9.28
CA ARG B 25 0.19 -16.92 9.20
C ARG B 25 -0.21 -17.32 7.77
N VAL B 26 -1.26 -18.14 7.63
CA VAL B 26 -1.94 -18.45 6.35
C VAL B 26 -3.44 -18.30 6.55
N PHE B 27 -4.20 -18.13 5.46
CA PHE B 27 -5.63 -17.76 5.50
C PHE B 27 -6.41 -18.50 4.41
N HIS B 28 -7.64 -18.89 4.72
CA HIS B 28 -8.72 -19.13 3.72
C HIS B 28 -9.05 -17.78 3.05
N GLU B 29 -9.41 -17.82 1.76
CA GLU B 29 -9.76 -16.64 0.95
C GLU B 29 -10.60 -15.64 1.77
N ASP B 30 -11.73 -16.09 2.31
CA ASP B 30 -12.76 -15.21 2.95
C ASP B 30 -12.49 -15.05 4.45
N CYS B 31 -11.60 -15.84 5.04
CA CYS B 31 -11.23 -15.75 6.47
C CYS B 31 -10.45 -14.46 6.73
N HIS B 32 -9.47 -14.18 5.87
CA HIS B 32 -8.79 -12.86 5.85
C HIS B 32 -9.82 -11.79 5.49
N ILE B 33 -9.68 -10.61 6.10
CA ILE B 33 -10.49 -9.41 5.82
C ILE B 33 -9.50 -8.28 5.49
N PRO B 34 -9.54 -7.70 4.27
CA PRO B 34 -10.48 -8.13 3.22
C PRO B 34 -10.09 -9.45 2.58
N PRO B 35 -10.95 -10.08 1.76
CA PRO B 35 -10.66 -11.38 1.15
C PRO B 35 -9.28 -11.42 0.46
N VAL B 36 -8.68 -12.61 0.35
CA VAL B 36 -7.32 -12.78 -0.24
C VAL B 36 -7.42 -12.60 -1.76
N GLU B 37 -6.59 -11.71 -2.30
CA GLU B 37 -6.33 -11.55 -3.76
C GLU B 37 -4.94 -12.10 -4.06
N ALA B 38 -4.84 -13.41 -4.33
CA ALA B 38 -3.57 -14.10 -4.67
C ALA B 38 -2.98 -13.53 -5.97
N GLU B 39 -3.79 -12.81 -6.75
CA GLU B 39 -3.38 -11.95 -7.89
C GLU B 39 -2.16 -11.09 -7.50
N ARG B 40 -2.21 -10.48 -6.31
CA ARG B 40 -1.30 -9.38 -5.82
C ARG B 40 0.16 -9.79 -5.86
N THR B 41 1.04 -8.79 -5.84
CA THR B 41 2.49 -8.92 -6.16
C THR B 41 3.32 -8.14 -5.13
N PRO B 42 3.57 -8.71 -3.93
CA PRO B 42 2.99 -9.97 -3.50
C PRO B 42 1.74 -9.78 -2.64
N TRP B 43 1.26 -10.83 -1.99
CA TRP B 43 0.20 -10.76 -0.96
C TRP B 43 0.82 -10.73 0.43
N ASN B 44 0.55 -9.66 1.18
CA ASN B 44 0.87 -9.54 2.63
C ASN B 44 -0.47 -9.48 3.39
N CYS B 45 -0.58 -10.18 4.51
CA CYS B 45 -1.75 -10.16 5.42
C CYS B 45 -1.83 -8.77 6.07
N ILE B 46 -2.98 -8.43 6.63
CA ILE B 46 -3.31 -7.04 7.09
C ILE B 46 -2.52 -6.73 8.36
N PHE B 47 -2.16 -7.73 9.16
CA PHE B 47 -1.37 -7.58 10.41
C PHE B 47 0.03 -7.06 10.09
N CYS B 48 0.69 -7.67 9.11
CA CYS B 48 2.07 -7.31 8.66
C CYS B 48 2.05 -5.92 8.04
N ARG B 49 1.01 -5.61 7.27
CA ARG B 49 0.79 -4.30 6.61
C ARG B 49 0.55 -3.23 7.68
N MET B 50 -0.39 -3.48 8.60
CA MET B 50 -0.80 -2.50 9.65
C MET B 50 0.39 -2.26 10.59
N LYS B 51 1.24 -3.27 10.79
CA LYS B 51 2.51 -3.17 11.57
C LYS B 51 3.37 -2.05 10.97
N GLU B 52 3.29 -1.82 9.66
CA GLU B 52 4.17 -0.86 8.93
C GLU B 52 3.45 0.46 8.68
N SER B 53 2.34 0.74 9.38
CA SER B 53 1.61 2.03 9.30
C SER B 53 2.31 3.07 10.17
N PRO B 54 2.11 4.39 9.92
CA PRO B 54 2.55 5.42 10.85
C PRO B 54 1.43 5.90 11.79
N CYS B 60 -5.65 11.46 20.72
CA CYS B 60 -6.74 12.16 19.97
C CYS B 60 -8.13 11.59 20.37
N GLN B 61 -9.13 12.47 20.54
CA GLN B 61 -10.51 12.15 21.02
C GLN B 61 -11.19 11.15 20.07
N GLU B 62 -12.17 10.39 20.58
CA GLU B 62 -12.91 9.32 19.85
C GLU B 62 -13.98 9.95 18.95
N SER B 63 -14.72 10.95 19.45
CA SER B 63 -15.70 11.76 18.68
C SER B 63 -15.13 12.02 17.28
N GLU B 64 -13.88 12.47 17.21
CA GLU B 64 -13.15 12.86 15.98
C GLU B 64 -13.06 11.66 15.04
N VAL B 65 -12.60 10.52 15.56
CA VAL B 65 -12.31 9.27 14.80
C VAL B 65 -13.59 8.80 14.09
N LEU B 66 -14.71 8.75 14.80
CA LEU B 66 -16.00 8.21 14.29
C LEU B 66 -16.53 9.10 13.15
N GLU B 67 -16.45 10.44 13.30
CA GLU B 67 -16.91 11.45 12.31
C GLU B 67 -16.14 11.28 10.99
N ARG B 68 -14.92 10.71 11.03
CA ARG B 68 -14.03 10.49 9.86
C ARG B 68 -14.72 9.66 8.78
N GLN B 69 -14.68 10.15 7.54
CA GLN B 69 -15.12 9.43 6.32
C GLN B 69 -14.23 8.18 6.17
N MET B 70 -14.81 7.10 5.65
CA MET B 70 -14.16 5.77 5.51
C MET B 70 -13.31 5.75 4.23
N CYS B 71 -12.17 6.47 4.25
CA CYS B 71 -11.18 6.54 3.14
C CYS B 71 -10.28 5.31 3.19
N PRO B 72 -9.38 5.08 2.21
CA PRO B 72 -8.64 3.83 2.10
C PRO B 72 -7.95 3.34 3.39
N GLU B 73 -7.47 4.26 4.23
CA GLU B 73 -6.75 3.96 5.51
C GLU B 73 -7.77 3.56 6.59
N GLU B 74 -8.82 4.36 6.77
CA GLU B 74 -9.93 4.10 7.73
C GLU B 74 -10.51 2.70 7.44
N GLN B 75 -10.83 2.44 6.15
CA GLN B 75 -11.39 1.16 5.64
C GLN B 75 -10.46 0.00 6.03
N LEU B 76 -9.14 0.19 5.87
CA LEU B 76 -8.13 -0.86 6.20
C LEU B 76 -8.16 -1.13 7.71
N LYS B 77 -8.22 -0.07 8.54
CA LYS B 77 -8.14 -0.19 10.02
C LYS B 77 -9.36 -0.95 10.54
N CYS B 78 -10.55 -0.66 10.00
CA CYS B 78 -11.82 -1.35 10.36
C CYS B 78 -11.73 -2.83 9.96
N GLU B 79 -11.19 -3.11 8.77
CA GLU B 79 -10.94 -4.48 8.27
C GLU B 79 -9.97 -5.20 9.23
N PHE B 80 -8.93 -4.49 9.67
CA PHE B 80 -7.95 -4.98 10.67
C PHE B 80 -8.68 -5.35 11.96
N LEU B 81 -9.53 -4.46 12.47
CA LEU B 81 -10.33 -4.65 13.71
C LEU B 81 -11.29 -5.83 13.55
N LEU B 82 -11.96 -5.94 12.40
CA LEU B 82 -12.97 -7.01 12.16
C LEU B 82 -12.26 -8.36 12.09
N LEU B 83 -11.05 -8.42 11.51
CA LEU B 83 -10.28 -9.68 11.44
C LEU B 83 -9.92 -10.15 12.85
N LYS B 84 -9.54 -9.23 13.74
CA LYS B 84 -9.20 -9.53 15.16
C LYS B 84 -10.45 -10.05 15.88
N VAL B 85 -11.59 -9.40 15.70
CA VAL B 85 -12.90 -9.87 16.23
C VAL B 85 -13.08 -11.34 15.82
N TYR B 86 -12.95 -11.65 14.53
CA TYR B 86 -13.16 -13.02 13.96
C TYR B 86 -12.15 -14.02 14.53
N CYS B 87 -10.94 -13.55 14.86
CA CYS B 87 -9.83 -14.39 15.40
C CYS B 87 -10.14 -14.82 16.84
N CYS B 88 -10.93 -14.04 17.57
CA CYS B 88 -11.44 -14.40 18.93
C CYS B 88 -12.42 -15.56 18.80
N SER B 89 -12.31 -16.56 19.68
CA SER B 89 -13.07 -17.83 19.68
C SER B 89 -14.58 -17.57 19.82
N GLU B 90 -14.97 -16.44 20.42
CA GLU B 90 -16.39 -16.07 20.65
C GLU B 90 -17.04 -15.61 19.34
N SER B 91 -16.26 -15.23 18.32
CA SER B 91 -16.79 -14.76 17.02
C SER B 91 -17.85 -15.77 16.50
N SER B 92 -17.62 -17.07 16.67
CA SER B 92 -18.56 -18.17 16.34
C SER B 92 -19.99 -17.78 16.71
N PHE B 93 -20.18 -17.43 17.98
CA PHE B 93 -21.49 -17.15 18.61
C PHE B 93 -22.19 -16.00 17.87
N PHE B 94 -21.47 -14.92 17.56
CA PHE B 94 -22.05 -13.65 17.05
C PHE B 94 -21.89 -13.53 15.52
N ALA B 95 -21.55 -14.62 14.83
CA ALA B 95 -21.25 -14.62 13.37
C ALA B 95 -22.55 -14.54 12.55
N LYS B 96 -23.49 -15.45 12.83
CA LYS B 96 -24.79 -15.59 12.13
C LYS B 96 -25.90 -14.90 12.94
N ILE B 97 -27.12 -14.97 12.42
CA ILE B 97 -28.38 -14.52 13.10
C ILE B 97 -28.30 -14.93 14.57
N PRO B 98 -28.60 -14.02 15.51
CA PRO B 98 -28.68 -14.38 16.93
C PRO B 98 -29.76 -15.45 17.18
N TYR B 99 -29.50 -16.35 18.14
CA TYR B 99 -30.43 -17.44 18.57
C TYR B 99 -31.80 -16.84 18.89
N TYR B 100 -31.81 -15.71 19.63
CA TYR B 100 -33.03 -15.07 20.18
C TYR B 100 -33.99 -14.65 19.05
N TYR B 101 -33.48 -14.43 17.84
CA TYR B 101 -34.15 -13.70 16.72
C TYR B 101 -35.50 -14.34 16.33
N TYR B 102 -35.63 -15.67 16.41
CA TYR B 102 -36.86 -16.41 15.97
C TYR B 102 -37.77 -16.73 17.17
N ILE B 103 -37.51 -16.15 18.36
CA ILE B 103 -38.29 -16.41 19.60
C ILE B 103 -39.43 -15.39 19.70
N ARG B 104 -40.62 -15.86 20.13
CA ARG B 104 -41.86 -15.06 20.33
C ARG B 104 -42.01 -14.70 21.81
N LEU B 110 -34.14 -4.19 22.20
CA LEU B 110 -33.70 -4.77 20.91
C LEU B 110 -33.80 -3.71 19.79
N LYS B 111 -32.66 -3.15 19.36
CA LYS B 111 -32.56 -1.92 18.52
C LYS B 111 -32.51 -2.27 17.02
N GLU B 112 -31.86 -3.36 16.63
CA GLU B 112 -31.81 -3.85 15.22
C GLU B 112 -31.00 -5.14 15.16
N PRO B 113 -31.54 -6.25 14.64
CA PRO B 113 -30.78 -7.50 14.52
C PRO B 113 -29.42 -7.23 13.86
N MET B 114 -28.33 -7.63 14.50
CA MET B 114 -26.94 -7.41 14.00
C MET B 114 -26.09 -8.66 14.26
N TRP B 115 -25.15 -8.93 13.35
CA TRP B 115 -24.24 -10.12 13.40
C TRP B 115 -23.00 -9.84 12.54
N LEU B 116 -21.90 -10.54 12.79
CA LEU B 116 -20.56 -10.20 12.24
C LEU B 116 -20.58 -10.36 10.70
N ASP B 117 -21.23 -11.40 10.18
CA ASP B 117 -21.30 -11.70 8.73
C ASP B 117 -22.01 -10.54 8.01
N LYS B 118 -22.98 -9.90 8.68
CA LYS B 118 -23.73 -8.73 8.14
C LYS B 118 -22.78 -7.51 8.06
N ILE B 119 -22.02 -7.26 9.13
CA ILE B 119 -21.00 -6.17 9.21
C ILE B 119 -19.89 -6.45 8.19
N LYS B 120 -19.50 -7.72 8.04
CA LYS B 120 -18.40 -8.17 7.15
C LYS B 120 -18.79 -7.88 5.69
N LYS B 121 -19.99 -8.28 5.28
CA LYS B 121 -20.53 -8.01 3.91
C LYS B 121 -20.52 -6.50 3.66
N ARG B 122 -21.06 -5.72 4.59
CA ARG B 122 -21.20 -4.25 4.46
C ARG B 122 -19.81 -3.63 4.30
N LEU B 123 -18.86 -4.01 5.14
CA LEU B 123 -17.49 -3.41 5.19
C LEU B 123 -16.73 -3.79 3.91
N ASN B 124 -16.87 -5.03 3.45
CA ASN B 124 -16.21 -5.50 2.21
C ASN B 124 -16.82 -4.77 1.01
N GLU B 125 -18.11 -4.41 1.07
CA GLU B 125 -18.85 -3.74 -0.02
C GLU B 125 -18.68 -2.22 0.07
N HIS B 126 -17.87 -1.71 0.99
CA HIS B 126 -17.63 -0.26 1.22
C HIS B 126 -18.96 0.43 1.53
N GLY B 127 -19.80 -0.22 2.34
CA GLY B 127 -21.19 0.20 2.65
C GLY B 127 -21.26 1.11 3.86
N TYR B 128 -20.13 1.38 4.51
CA TYR B 128 -20.00 2.33 5.64
C TYR B 128 -19.31 3.60 5.15
N PRO B 129 -20.01 4.75 5.05
CA PRO B 129 -19.39 5.99 4.58
C PRO B 129 -18.44 6.59 5.62
N GLN B 130 -18.67 6.30 6.91
CA GLN B 130 -17.81 6.78 8.03
C GLN B 130 -17.41 5.62 8.94
N VAL B 131 -16.36 5.83 9.73
CA VAL B 131 -15.87 4.89 10.78
C VAL B 131 -17.04 4.61 11.74
N GLU B 132 -17.87 5.62 12.01
CA GLU B 132 -18.99 5.56 12.99
C GLU B 132 -19.94 4.41 12.66
N GLY B 133 -20.31 4.25 11.37
CA GLY B 133 -21.26 3.22 10.91
C GLY B 133 -20.80 1.83 11.31
N PHE B 134 -19.50 1.54 11.12
CA PHE B 134 -18.85 0.25 11.45
C PHE B 134 -18.88 0.04 12.97
N VAL B 135 -18.34 1.00 13.73
CA VAL B 135 -18.16 0.92 15.20
C VAL B 135 -19.54 0.76 15.87
N GLN B 136 -20.55 1.46 15.38
CA GLN B 136 -21.93 1.44 15.96
C GLN B 136 -22.57 0.06 15.74
N ASP B 137 -22.45 -0.51 14.54
CA ASP B 137 -22.97 -1.87 14.23
C ASP B 137 -22.28 -2.87 15.16
N MET B 138 -20.95 -2.78 15.31
CA MET B 138 -20.16 -3.70 16.16
C MET B 138 -20.71 -3.64 17.59
N ARG B 139 -20.91 -2.43 18.11
CA ARG B 139 -21.39 -2.18 19.50
C ARG B 139 -22.84 -2.69 19.67
N LEU B 140 -23.68 -2.51 18.65
CA LEU B 140 -25.10 -2.93 18.67
C LEU B 140 -25.21 -4.44 18.94
N ILE B 141 -24.25 -5.25 18.46
CA ILE B 141 -24.26 -6.73 18.63
C ILE B 141 -24.35 -7.04 20.13
N PHE B 142 -23.57 -6.32 20.93
CA PHE B 142 -23.41 -6.51 22.40
C PHE B 142 -24.62 -5.91 23.13
N GLN B 143 -25.06 -4.70 22.77
CA GLN B 143 -26.27 -4.04 23.33
C GLN B 143 -27.47 -4.98 23.21
N ASN B 144 -27.70 -5.50 22.00
CA ASN B 144 -28.80 -6.45 21.68
C ASN B 144 -28.68 -7.70 22.54
N HIS B 145 -27.45 -8.22 22.67
CA HIS B 145 -27.12 -9.43 23.46
C HIS B 145 -27.57 -9.21 24.90
N ARG B 146 -27.10 -8.11 25.52
CA ARG B 146 -27.35 -7.76 26.94
C ARG B 146 -28.84 -7.83 27.26
N ALA B 147 -29.70 -7.33 26.37
CA ALA B 147 -31.16 -7.32 26.55
C ALA B 147 -31.79 -8.65 26.07
N SER B 148 -31.47 -9.80 26.70
CA SER B 148 -32.05 -11.13 26.33
C SER B 148 -31.88 -12.22 27.42
N TYR B 149 -32.65 -13.31 27.26
CA TYR B 149 -32.77 -14.51 28.14
C TYR B 149 -33.13 -14.06 29.56
N ASP B 153 -29.27 -15.74 30.19
CA ASP B 153 -28.90 -17.08 30.72
C ASP B 153 -27.63 -17.56 30.01
N PHE B 154 -26.71 -16.66 29.67
CA PHE B 154 -25.60 -16.84 28.69
C PHE B 154 -24.22 -16.53 29.30
N GLY B 155 -24.13 -16.30 30.61
CA GLY B 155 -22.87 -16.06 31.33
C GLY B 155 -22.10 -14.90 30.76
N GLN B 156 -20.78 -15.05 30.59
CA GLN B 156 -19.88 -13.97 30.12
C GLN B 156 -19.69 -14.06 28.59
N MET B 157 -20.48 -14.87 27.89
CA MET B 157 -20.39 -14.99 26.40
C MET B 157 -20.42 -13.59 25.79
N GLY B 158 -19.36 -13.24 25.06
CA GLY B 158 -19.23 -11.97 24.33
C GLY B 158 -18.35 -10.98 25.05
N PHE B 159 -18.18 -11.14 26.36
CA PHE B 159 -17.39 -10.22 27.23
C PHE B 159 -16.00 -10.04 26.62
N ARG B 160 -15.39 -11.14 26.18
CA ARG B 160 -14.01 -11.17 25.62
C ARG B 160 -13.99 -10.49 24.24
N LEU B 161 -14.92 -10.88 23.36
CA LEU B 161 -15.08 -10.30 22.00
C LEU B 161 -15.22 -8.77 22.10
N GLU B 162 -16.08 -8.30 23.00
CA GLU B 162 -16.35 -6.84 23.18
C GLU B 162 -15.10 -6.15 23.71
N ALA B 163 -14.59 -6.59 24.87
CA ALA B 163 -13.38 -6.05 25.53
C ALA B 163 -12.24 -5.97 24.50
N GLU B 164 -12.01 -7.04 23.74
CA GLU B 164 -10.91 -7.15 22.74
C GLU B 164 -11.09 -6.09 21.66
N PHE B 165 -12.27 -6.00 21.05
CA PHE B 165 -12.59 -4.97 20.02
C PHE B 165 -12.25 -3.58 20.57
N GLU B 166 -12.77 -3.26 21.76
CA GLU B 166 -12.67 -1.89 22.36
C GLU B 166 -11.20 -1.55 22.68
N LYS B 167 -10.38 -2.55 23.07
CA LYS B 167 -8.92 -2.35 23.29
C LYS B 167 -8.28 -2.03 21.92
N ASN B 168 -8.52 -2.89 20.92
CA ASN B 168 -7.94 -2.77 19.55
C ASN B 168 -8.39 -1.46 18.90
N PHE B 169 -9.66 -1.08 19.05
CA PHE B 169 -10.25 0.15 18.47
C PHE B 169 -9.44 1.37 18.95
N LYS B 170 -9.29 1.51 20.27
CA LYS B 170 -8.47 2.58 20.90
C LYS B 170 -7.06 2.58 20.30
N GLU B 171 -6.40 1.41 20.27
CA GLU B 171 -4.97 1.26 19.87
C GLU B 171 -4.77 1.68 18.41
N VAL B 172 -5.64 1.21 17.51
CA VAL B 172 -5.50 1.35 16.04
C VAL B 172 -5.71 2.80 15.60
N PHE B 173 -6.59 3.55 16.30
CA PHE B 173 -6.93 4.96 15.99
C PHE B 173 -6.32 5.90 17.03
N ALA B 174 -5.44 5.38 17.91
CA ALA B 174 -4.70 6.10 18.96
C ALA B 174 -5.63 7.07 19.73
N ILE B 175 -6.69 6.54 20.35
CA ILE B 175 -7.66 7.32 21.18
C ILE B 175 -7.01 7.68 22.53
N GLN B 176 -7.42 8.80 23.14
CA GLN B 176 -6.91 9.36 24.43
C GLN B 176 -6.67 8.24 25.47
N GLU B 177 -5.65 8.43 26.32
CA GLU B 177 -5.22 7.47 27.39
C GLU B 177 -6.18 7.56 28.58
C1 EDO C . 6.99 19.89 -1.73
O1 EDO C . 7.34 18.61 -2.24
C2 EDO C . 7.53 21.01 -2.53
O2 EDO C . 6.70 21.38 -3.63
C1 EDO D . 15.71 14.79 -12.81
O1 EDO D . 15.54 16.02 -13.48
C2 EDO D . 17.03 14.16 -13.06
O2 EDO D . 17.95 14.40 -12.01
ZN ZN E . -10.21 -20.21 7.81
ZN ZN F . 1.51 -11.44 7.66
#